data_3T8C
#
_entry.id   3T8C
#
_cell.length_a   92.600
_cell.length_b   92.600
_cell.length_c   130.400
_cell.angle_alpha   90.00
_cell.angle_beta   90.00
_cell.angle_gamma   120.00
#
_symmetry.space_group_name_H-M   'P 61 2 2'
#
loop_
_entity.id
_entity.type
_entity.pdbx_description
1 polymer Thermolysin
2 non-polymer N-[(R)-({[(benzyloxy)carbonyl]amino}methyl)(hydroxy)phosphoryl]-L-leucyl-L-norvaline
3 non-polymer GLYCEROL
4 non-polymer 'DIMETHYL SULFOXIDE'
5 non-polymer 'ZINC ION'
6 non-polymer 'CALCIUM ION'
7 water water
#
_entity_poly.entity_id   1
_entity_poly.type   'polypeptide(L)'
_entity_poly.pdbx_seq_one_letter_code
;ITGTSTVGVGRGVLGDQKNINTTYSTYYYLQDNTRGNGIFTYDAKYRTTLPGSLWADADNQFFASYDAPAVDAHYYAGVT
YDYYKNVHNRLSYDGNNAAIRSSVHYSQGYNNAFWNGSQMVYGDGDGQTFIPLSGGIDVVAHELTHAVTDYTAGLIYQNE
SGAINEAISDIFGTLVEFYANKNPDWEIGEDVYTPGISGDSLRSMSDPAKYGDPDHYSKRYTGTQDNGGVHINSGIINKA
AYLISQGGTHYGVSVVGIGRDKLGKIFYRALTQYLTPTSNFSQLRAAAVQSATDLYGSTSQEVASVKQAFDAVGVK
;
_entity_poly.pdbx_strand_id   A
#
loop_
_chem_comp.id
_chem_comp.type
_chem_comp.name
_chem_comp.formula
CA non-polymer 'CALCIUM ION' 'Ca 2'
DMS non-polymer 'DIMETHYL SULFOXIDE' 'C2 H6 O S'
GOL non-polymer GLYCEROL 'C3 H8 O3'
UBW peptide-like N-[(R)-({[(benzyloxy)carbonyl]amino}methyl)(hydroxy)phosphoryl]-L-leucyl-L-norvaline 'C20 H32 N3 O7 P'
ZN non-polymer 'ZINC ION' 'Zn 2'
#
# COMPACT_ATOMS: atom_id res chain seq x y z
N ILE A 1 -14.42 -2.91 -21.13
CA ILE A 1 -14.86 -3.14 -22.49
C ILE A 1 -15.15 -4.63 -22.74
N THR A 2 -16.01 -4.93 -23.70
CA THR A 2 -16.30 -6.31 -24.05
C THR A 2 -15.25 -6.81 -25.03
N GLY A 3 -14.65 -7.96 -24.74
CA GLY A 3 -13.59 -8.48 -25.60
C GLY A 3 -13.10 -9.81 -25.10
N THR A 4 -11.97 -10.25 -25.62
CA THR A 4 -11.42 -11.55 -25.24
CA THR A 4 -11.44 -11.54 -25.20
C THR A 4 -10.17 -11.36 -24.40
N SER A 5 -10.01 -12.15 -23.36
CA SER A 5 -8.85 -12.03 -22.49
C SER A 5 -7.57 -12.47 -23.20
N THR A 6 -6.53 -11.65 -23.06
CA THR A 6 -5.27 -11.89 -23.73
C THR A 6 -4.12 -11.65 -22.76
N VAL A 7 -2.88 -11.93 -23.20
CA VAL A 7 -1.72 -11.73 -22.34
C VAL A 7 -0.67 -10.96 -23.11
N GLY A 8 -0.40 -9.74 -22.66
CA GLY A 8 0.59 -8.89 -23.31
C GLY A 8 1.90 -8.98 -22.54
N VAL A 9 2.92 -8.30 -23.06
CA VAL A 9 4.22 -8.33 -22.41
C VAL A 9 4.82 -6.93 -22.50
N GLY A 10 5.58 -6.55 -21.48
CA GLY A 10 6.17 -5.22 -21.48
C GLY A 10 7.24 -5.06 -20.41
N ARG A 11 7.65 -3.82 -20.21
CA ARG A 11 8.66 -3.51 -19.21
CA ARG A 11 8.67 -3.49 -19.23
C ARG A 11 8.13 -2.46 -18.25
N GLY A 12 8.41 -2.65 -16.96
CA GLY A 12 7.98 -1.73 -15.95
C GLY A 12 8.98 -0.60 -15.76
N VAL A 13 8.69 0.24 -14.76
CA VAL A 13 9.46 1.45 -14.49
C VAL A 13 10.94 1.19 -14.22
N LEU A 14 11.23 0.05 -13.58
CA LEU A 14 12.61 -0.32 -13.25
C LEU A 14 13.28 -1.14 -14.35
N GLY A 15 12.60 -1.32 -15.49
CA GLY A 15 13.22 -2.00 -16.63
C GLY A 15 13.06 -3.51 -16.64
N ASP A 16 12.22 -4.03 -15.75
CA ASP A 16 11.99 -5.46 -15.67
C ASP A 16 10.85 -5.89 -16.61
N GLN A 17 11.02 -7.03 -17.26
CA GLN A 17 9.98 -7.52 -18.18
C GLN A 17 8.92 -8.32 -17.41
N LYS A 18 7.66 -8.09 -17.73
CA LYS A 18 6.60 -8.88 -17.12
C LYS A 18 5.42 -9.06 -18.07
N ASN A 19 4.67 -10.13 -17.85
CA ASN A 19 3.43 -10.37 -18.58
C ASN A 19 2.29 -9.65 -17.88
N ILE A 20 1.35 -9.15 -18.67
CA ILE A 20 0.17 -8.50 -18.11
CA ILE A 20 0.18 -8.46 -18.13
C ILE A 20 -1.11 -8.96 -18.78
N ASN A 21 -2.17 -9.05 -17.99
CA ASN A 21 -3.46 -9.48 -18.51
C ASN A 21 -4.15 -8.33 -19.22
N THR A 22 -4.51 -8.54 -20.48
CA THR A 22 -5.11 -7.49 -21.29
C THR A 22 -6.42 -7.99 -21.89
N THR A 23 -7.15 -7.10 -22.59
CA THR A 23 -8.38 -7.47 -23.27
C THR A 23 -8.34 -6.99 -24.72
N TYR A 24 -8.65 -7.87 -25.66
CA TYR A 24 -8.60 -7.50 -27.07
C TYR A 24 -9.98 -7.21 -27.65
N SER A 25 -10.11 -6.03 -28.22
CA SER A 25 -11.26 -5.64 -29.02
C SER A 25 -10.80 -4.46 -29.87
N THR A 26 -10.37 -4.76 -31.09
CA THR A 26 -9.71 -3.81 -32.00
C THR A 26 -8.32 -3.43 -31.48
N TYR A 27 -8.28 -2.87 -30.28
CA TYR A 27 -7.04 -2.61 -29.55
C TYR A 27 -6.86 -3.61 -28.42
N TYR A 28 -5.65 -3.64 -27.85
CA TYR A 28 -5.40 -4.37 -26.61
C TYR A 28 -5.45 -3.38 -25.45
N TYR A 29 -6.39 -3.62 -24.54
CA TYR A 29 -6.60 -2.72 -23.42
C TYR A 29 -6.01 -3.27 -22.14
N LEU A 30 -5.56 -2.36 -21.27
CA LEU A 30 -5.13 -2.77 -19.94
C LEU A 30 -6.36 -3.03 -19.11
N GLN A 31 -6.94 -4.20 -19.34
CA GLN A 31 -8.12 -4.67 -18.64
C GLN A 31 -7.88 -6.15 -18.35
N ASP A 32 -7.72 -6.47 -17.08
CA ASP A 32 -7.41 -7.81 -16.61
C ASP A 32 -8.71 -8.45 -16.14
N ASN A 33 -9.21 -9.43 -16.90
CA ASN A 33 -10.49 -10.06 -16.55
C ASN A 33 -10.33 -11.26 -15.64
N THR A 34 -9.09 -11.57 -15.28
CA THR A 34 -8.81 -12.80 -14.52
C THR A 34 -9.02 -12.61 -13.02
N ARG A 35 -9.23 -11.36 -12.61
CA ARG A 35 -9.34 -11.05 -11.18
C ARG A 35 -10.61 -10.28 -10.89
N GLY A 36 -11.51 -10.90 -10.14
CA GLY A 36 -12.75 -10.26 -9.75
C GLY A 36 -13.54 -9.73 -10.92
N ASN A 37 -14.04 -8.51 -10.79
CA ASN A 37 -14.76 -7.87 -11.87
C ASN A 37 -13.86 -6.95 -12.68
N GLY A 38 -12.55 -7.24 -12.62
CA GLY A 38 -11.58 -6.64 -13.52
C GLY A 38 -10.64 -5.66 -12.86
N ILE A 39 -9.45 -5.54 -13.43
CA ILE A 39 -8.49 -4.50 -13.06
C ILE A 39 -8.29 -3.67 -14.32
N PHE A 40 -8.49 -2.36 -14.20
CA PHE A 40 -8.54 -1.46 -15.36
C PHE A 40 -7.53 -0.35 -15.14
N THR A 41 -6.65 -0.13 -16.10
CA THR A 41 -5.63 0.92 -15.97
C THR A 41 -5.80 1.95 -17.09
N TYR A 42 -5.72 3.23 -16.70
CA TYR A 42 -6.09 4.36 -17.55
C TYR A 42 -4.91 5.30 -17.78
N ASP A 43 -4.96 6.05 -18.88
CA ASP A 43 -3.96 7.08 -19.17
C ASP A 43 -4.56 8.45 -18.85
N ALA A 44 -3.95 9.17 -17.90
CA ALA A 44 -4.40 10.53 -17.58
C ALA A 44 -3.70 11.59 -18.45
N LYS A 45 -2.73 11.16 -19.27
CA LYS A 45 -2.16 12.01 -20.32
C LYS A 45 -1.58 13.34 -19.83
N TYR A 46 -1.00 13.29 -18.64
CA TYR A 46 -0.35 14.45 -18.00
C TYR A 46 -1.34 15.50 -17.52
N ARG A 47 -2.64 15.19 -17.59
CA ARG A 47 -3.65 16.11 -17.10
C ARG A 47 -4.26 15.59 -15.79
N THR A 48 -5.25 16.29 -15.27
CA THR A 48 -5.79 15.95 -13.95
C THR A 48 -7.26 15.54 -13.99
N THR A 49 -7.80 15.37 -15.19
CA THR A 49 -9.15 14.86 -15.32
CA THR A 49 -9.15 14.84 -15.36
C THR A 49 -9.09 13.32 -15.20
N LEU A 50 -9.99 12.77 -14.40
CA LEU A 50 -9.94 11.35 -14.07
C LEU A 50 -11.23 10.64 -14.43
N PRO A 51 -11.14 9.36 -14.83
CA PRO A 51 -9.91 8.56 -14.84
C PRO A 51 -9.02 8.77 -16.08
N GLY A 52 -9.53 9.44 -17.10
CA GLY A 52 -8.81 9.50 -18.36
C GLY A 52 -9.32 8.43 -19.29
N SER A 53 -8.48 7.94 -20.19
CA SER A 53 -8.89 6.93 -21.17
CA SER A 53 -8.94 6.92 -21.13
C SER A 53 -8.36 5.55 -20.81
N LEU A 54 -9.20 4.53 -20.94
CA LEU A 54 -8.75 3.17 -20.69
C LEU A 54 -7.55 2.90 -21.60
N TRP A 55 -6.48 2.35 -21.04
CA TRP A 55 -5.24 2.27 -21.78
C TRP A 55 -5.35 1.32 -22.96
N ALA A 56 -5.11 1.85 -24.16
CA ALA A 56 -5.24 1.10 -25.39
C ALA A 56 -3.90 1.00 -26.11
N ASP A 57 -3.60 -0.19 -26.65
CA ASP A 57 -2.32 -0.43 -27.31
C ASP A 57 -2.56 -1.26 -28.57
N ALA A 58 -1.87 -0.90 -29.66
CA ALA A 58 -2.12 -1.56 -30.94
C ALA A 58 -1.65 -3.03 -31.02
N ASP A 59 -0.54 -3.37 -30.36
CA ASP A 59 0.09 -4.67 -30.59
C ASP A 59 0.29 -5.58 -29.36
N ASN A 60 -0.21 -5.16 -28.19
CA ASN A 60 -0.11 -5.97 -26.97
C ASN A 60 1.32 -6.07 -26.45
N GLN A 61 2.20 -5.19 -26.94
CA GLN A 61 3.57 -5.10 -26.45
CA GLN A 61 3.57 -5.09 -26.47
C GLN A 61 3.74 -3.73 -25.79
N PHE A 62 4.28 -3.73 -24.58
CA PHE A 62 4.30 -2.50 -23.79
C PHE A 62 5.71 -2.16 -23.34
N PHE A 63 6.59 -1.91 -24.32
CA PHE A 63 8.01 -1.66 -24.04
C PHE A 63 8.44 -0.20 -24.21
N ALA A 64 7.51 0.69 -24.52
CA ALA A 64 7.85 2.11 -24.64
C ALA A 64 8.02 2.72 -23.26
N SER A 65 8.85 3.74 -23.15
CA SER A 65 9.06 4.39 -21.86
CA SER A 65 9.06 4.40 -21.87
C SER A 65 7.73 4.90 -21.30
N TYR A 66 6.86 5.40 -22.17
CA TYR A 66 5.56 5.92 -21.75
C TYR A 66 4.68 4.81 -21.18
N ASP A 67 4.93 3.57 -21.60
CA ASP A 67 4.10 2.45 -21.16
C ASP A 67 4.45 2.00 -19.75
N ALA A 68 5.67 2.24 -19.31
CA ALA A 68 6.18 1.60 -18.10
C ALA A 68 5.33 1.83 -16.85
N PRO A 69 4.90 3.07 -16.60
CA PRO A 69 4.10 3.25 -15.38
C PRO A 69 2.76 2.53 -15.44
N ALA A 70 2.19 2.38 -16.63
CA ALA A 70 0.93 1.65 -16.79
C ALA A 70 1.15 0.17 -16.55
N VAL A 71 2.25 -0.36 -17.08
CA VAL A 71 2.55 -1.78 -16.89
C VAL A 71 2.60 -2.10 -15.39
N ASP A 72 3.30 -1.27 -14.63
CA ASP A 72 3.49 -1.54 -13.21
C ASP A 72 2.23 -1.30 -12.40
N ALA A 73 1.49 -0.23 -12.70
CA ALA A 73 0.22 -0.01 -12.00
C ALA A 73 -0.71 -1.21 -12.17
N HIS A 74 -0.76 -1.72 -13.39
CA HIS A 74 -1.68 -2.80 -13.74
C HIS A 74 -1.22 -4.09 -13.06
N TYR A 75 0.07 -4.39 -13.18
CA TYR A 75 0.60 -5.65 -12.67
C TYR A 75 0.58 -5.68 -11.15
N TYR A 76 0.99 -4.60 -10.50
CA TYR A 76 1.05 -4.58 -9.04
C TYR A 76 -0.34 -4.51 -8.42
N ALA A 77 -1.30 -3.93 -9.14
CA ALA A 77 -2.70 -4.05 -8.69
C ALA A 77 -3.09 -5.53 -8.65
N GLY A 78 -2.67 -6.30 -9.65
CA GLY A 78 -2.95 -7.73 -9.68
C GLY A 78 -2.32 -8.47 -8.51
N VAL A 79 -1.05 -8.17 -8.23
CA VAL A 79 -0.37 -8.80 -7.09
C VAL A 79 -1.09 -8.48 -5.79
N THR A 80 -1.51 -7.23 -5.66
CA THR A 80 -2.19 -6.80 -4.43
C THR A 80 -3.55 -7.49 -4.27
N TYR A 81 -4.27 -7.61 -5.39
CA TYR A 81 -5.53 -8.37 -5.40
C TYR A 81 -5.28 -9.81 -4.92
N ASP A 82 -4.23 -10.43 -5.45
CA ASP A 82 -3.90 -11.81 -5.10
C ASP A 82 -3.56 -11.93 -3.61
N TYR A 83 -2.84 -10.95 -3.08
CA TYR A 83 -2.50 -10.98 -1.67
C TYR A 83 -3.77 -10.98 -0.82
N TYR A 84 -4.64 -10.02 -1.07
CA TYR A 84 -5.85 -9.95 -0.25
C TYR A 84 -6.73 -11.20 -0.39
N LYS A 85 -6.85 -11.73 -1.61
CA LYS A 85 -7.67 -12.91 -1.83
C LYS A 85 -7.05 -14.16 -1.20
N ASN A 86 -5.78 -14.41 -1.51
CA ASN A 86 -5.13 -15.65 -1.09
C ASN A 86 -4.80 -15.68 0.39
N VAL A 87 -4.45 -14.52 0.94
CA VAL A 87 -3.99 -14.45 2.32
C VAL A 87 -5.13 -14.16 3.30
N HIS A 88 -6.03 -13.26 2.91
CA HIS A 88 -7.10 -12.85 3.82
C HIS A 88 -8.50 -13.22 3.37
N ASN A 89 -8.62 -13.94 2.25
CA ASN A 89 -9.92 -14.30 1.70
C ASN A 89 -10.80 -13.08 1.50
N ARG A 90 -10.19 -11.99 1.04
CA ARG A 90 -10.94 -10.78 0.73
C ARG A 90 -10.92 -10.57 -0.78
N LEU A 91 -12.11 -10.41 -1.36
CA LEU A 91 -12.25 -10.22 -2.81
C LEU A 91 -12.31 -8.74 -3.15
N SER A 92 -11.20 -8.21 -3.67
CA SER A 92 -11.03 -6.79 -3.95
C SER A 92 -11.21 -5.90 -2.72
N TYR A 93 -11.23 -4.58 -2.93
CA TYR A 93 -11.22 -3.68 -1.77
C TYR A 93 -12.54 -3.63 -1.00
N ASP A 94 -13.65 -3.95 -1.68
CA ASP A 94 -14.95 -3.90 -1.03
C ASP A 94 -15.41 -5.25 -0.52
N GLY A 95 -14.60 -6.29 -0.76
CA GLY A 95 -14.99 -7.64 -0.36
C GLY A 95 -15.97 -8.29 -1.31
N ASN A 96 -16.34 -7.58 -2.38
CA ASN A 96 -17.30 -8.13 -3.34
C ASN A 96 -16.79 -7.99 -4.77
N ASN A 97 -15.47 -8.04 -4.92
CA ASN A 97 -14.83 -8.02 -6.24
C ASN A 97 -15.08 -6.75 -7.04
N ALA A 98 -15.17 -5.61 -6.37
CA ALA A 98 -15.26 -4.34 -7.08
C ALA A 98 -14.14 -4.20 -8.11
N ALA A 99 -14.48 -3.63 -9.25
CA ALA A 99 -13.47 -3.36 -10.27
C ALA A 99 -12.42 -2.41 -9.71
N ILE A 100 -11.17 -2.70 -10.02
CA ILE A 100 -10.07 -1.89 -9.52
C ILE A 100 -9.55 -0.99 -10.64
N ARG A 101 -9.61 0.32 -10.42
CA ARG A 101 -9.21 1.28 -11.45
C ARG A 101 -8.01 2.12 -11.01
N SER A 102 -7.04 2.29 -11.90
CA SER A 102 -5.87 3.14 -11.67
C SER A 102 -5.63 4.04 -12.86
N SER A 103 -5.22 5.27 -12.60
CA SER A 103 -4.74 6.15 -13.66
C SER A 103 -3.30 6.50 -13.45
N VAL A 104 -2.52 6.46 -14.53
CA VAL A 104 -1.11 6.86 -14.50
C VAL A 104 -0.86 8.08 -15.39
N HIS A 105 0.37 8.61 -15.35
CA HIS A 105 0.68 9.89 -15.99
C HIS A 105 -0.25 10.99 -15.51
N TYR A 106 -0.57 11.01 -14.23
CA TYR A 106 -1.39 12.08 -13.66
C TYR A 106 -0.57 13.36 -13.49
N SER A 107 -1.07 14.45 -14.08
CA SER A 107 -0.47 15.79 -13.97
C SER A 107 0.95 15.80 -14.52
N GLN A 108 1.74 16.79 -14.13
CA GLN A 108 3.12 16.92 -14.61
C GLN A 108 4.05 17.05 -13.41
N GLY A 109 5.14 16.28 -13.42
CA GLY A 109 6.12 16.32 -12.35
C GLY A 109 5.53 16.02 -10.98
N TYR A 110 4.51 15.16 -10.96
CA TYR A 110 3.66 15.00 -9.77
C TYR A 110 4.26 13.98 -8.78
N ASN A 111 4.72 14.49 -7.64
CA ASN A 111 5.44 13.68 -6.68
C ASN A 111 4.53 13.04 -5.64
N ASN A 112 3.52 12.31 -6.11
CA ASN A 112 2.65 11.64 -5.18
C ASN A 112 1.78 10.62 -5.88
N ALA A 113 1.02 9.89 -5.07
CA ALA A 113 0.02 8.95 -5.56
C ALA A 113 -1.08 8.96 -4.52
N PHE A 114 -2.29 8.58 -4.90
CA PHE A 114 -3.40 8.63 -3.96
C PHE A 114 -4.59 7.80 -4.39
N TRP A 115 -5.50 7.59 -3.44
CA TRP A 115 -6.79 7.00 -3.70
C TRP A 115 -7.80 8.15 -3.58
N ASN A 116 -8.55 8.41 -4.65
CA ASN A 116 -9.36 9.62 -4.67
C ASN A 116 -10.79 9.38 -4.20
N GLY A 117 -11.04 8.22 -3.59
CA GLY A 117 -12.37 7.85 -3.16
C GLY A 117 -13.01 6.80 -4.06
N SER A 118 -12.47 6.66 -5.28
CA SER A 118 -13.04 5.78 -6.28
C SER A 118 -11.99 5.01 -7.09
N GLN A 119 -10.75 5.48 -7.06
CA GLN A 119 -9.68 4.88 -7.87
C GLN A 119 -8.30 5.27 -7.38
N MET A 120 -7.28 4.54 -7.84
CA MET A 120 -5.89 4.90 -7.56
C MET A 120 -5.36 5.83 -8.64
N VAL A 121 -4.46 6.73 -8.24
CA VAL A 121 -3.91 7.76 -9.12
C VAL A 121 -2.40 7.87 -8.87
N TYR A 122 -1.61 7.84 -9.95
CA TYR A 122 -0.15 7.88 -9.82
C TYR A 122 0.50 8.99 -10.65
N GLY A 123 1.28 9.82 -9.98
CA GLY A 123 2.08 10.81 -10.68
C GLY A 123 3.28 10.14 -11.31
N ASP A 124 3.97 10.87 -12.19
CA ASP A 124 5.21 10.39 -12.79
C ASP A 124 6.43 10.81 -11.97
N GLY A 125 6.23 11.68 -10.98
CA GLY A 125 7.34 12.27 -10.25
C GLY A 125 8.03 13.30 -11.12
N ASP A 126 8.96 14.05 -10.53
CA ASP A 126 9.68 15.09 -11.28
C ASP A 126 11.04 14.61 -11.75
N GLY A 127 11.31 13.32 -11.55
CA GLY A 127 12.59 12.72 -11.93
C GLY A 127 13.71 12.95 -10.94
N GLN A 128 13.44 13.76 -9.91
CA GLN A 128 14.42 14.05 -8.87
C GLN A 128 13.99 13.48 -7.52
N THR A 129 12.82 13.89 -7.06
CA THR A 129 12.24 13.34 -5.84
C THR A 129 11.67 11.95 -6.07
N PHE A 130 11.00 11.75 -7.21
CA PHE A 130 10.42 10.45 -7.55
C PHE A 130 10.58 10.16 -9.04
N ILE A 131 10.67 8.88 -9.37
CA ILE A 131 10.32 8.40 -10.72
C ILE A 131 8.87 7.89 -10.66
N PRO A 132 8.31 7.46 -11.79
CA PRO A 132 6.86 7.17 -11.73
C PRO A 132 6.47 6.22 -10.59
N LEU A 133 5.50 6.64 -9.78
CA LEU A 133 5.34 6.05 -8.45
C LEU A 133 4.78 4.63 -8.46
N SER A 134 4.10 4.24 -9.54
CA SER A 134 3.60 2.88 -9.64
C SER A 134 4.73 1.86 -9.79
N GLY A 135 5.97 2.35 -9.95
CA GLY A 135 7.11 1.44 -9.97
C GLY A 135 7.40 0.78 -8.64
N GLY A 136 6.75 1.27 -7.57
CA GLY A 136 6.92 0.69 -6.24
C GLY A 136 5.76 -0.21 -5.86
N ILE A 137 6.03 -1.49 -5.66
CA ILE A 137 4.94 -2.40 -5.29
C ILE A 137 4.35 -2.00 -3.92
N ASP A 138 5.20 -1.54 -3.00
CA ASP A 138 4.69 -1.09 -1.72
C ASP A 138 3.80 0.15 -1.86
N VAL A 139 4.11 1.01 -2.83
CA VAL A 139 3.30 2.18 -3.12
C VAL A 139 1.93 1.77 -3.66
N VAL A 140 1.93 0.89 -4.66
CA VAL A 140 0.67 0.44 -5.24
C VAL A 140 -0.21 -0.20 -4.14
N ALA A 141 0.39 -1.09 -3.35
CA ALA A 141 -0.39 -1.75 -2.32
C ALA A 141 -0.81 -0.76 -1.21
N HIS A 142 0.02 0.24 -0.95
CA HIS A 142 -0.33 1.30 0.00
C HIS A 142 -1.61 2.01 -0.47
N GLU A 143 -1.66 2.36 -1.75
CA GLU A 143 -2.85 3.04 -2.29
C GLU A 143 -4.10 2.14 -2.28
N LEU A 144 -3.97 0.90 -2.73
CA LEU A 144 -5.15 0.02 -2.77
C LEU A 144 -5.65 -0.24 -1.35
N THR A 145 -4.71 -0.29 -0.41
CA THR A 145 -5.08 -0.48 0.98
C THR A 145 -5.91 0.67 1.55
N HIS A 146 -5.71 1.90 1.05
CA HIS A 146 -6.58 3.00 1.46
C HIS A 146 -8.03 2.67 1.12
N ALA A 147 -8.23 2.06 -0.04
CA ALA A 147 -9.58 1.67 -0.45
C ALA A 147 -10.15 0.64 0.52
N VAL A 148 -9.32 -0.34 0.89
CA VAL A 148 -9.72 -1.37 1.84
C VAL A 148 -10.13 -0.73 3.15
N THR A 149 -9.29 0.17 3.64
CA THR A 149 -9.60 0.88 4.87
C THR A 149 -10.91 1.65 4.77
N ASP A 150 -11.10 2.36 3.66
CA ASP A 150 -12.31 3.18 3.53
C ASP A 150 -13.58 2.32 3.53
N TYR A 151 -13.48 1.09 3.02
CA TYR A 151 -14.65 0.21 2.98
C TYR A 151 -14.85 -0.58 4.27
N THR A 152 -13.89 -0.49 5.18
CA THR A 152 -13.95 -1.29 6.41
C THR A 152 -13.96 -0.39 7.65
N ALA A 153 -12.81 -0.22 8.30
CA ALA A 153 -12.75 0.64 9.48
C ALA A 153 -13.23 2.06 9.20
N GLY A 154 -12.85 2.60 8.04
CA GLY A 154 -13.28 3.94 7.66
C GLY A 154 -12.55 5.06 8.41
N LEU A 155 -11.34 4.75 8.87
CA LEU A 155 -10.53 5.68 9.65
C LEU A 155 -10.48 7.07 9.01
N ILE A 156 -10.95 8.07 9.76
CA ILE A 156 -10.97 9.45 9.29
C ILE A 156 -9.54 9.92 9.07
N TYR A 157 -9.29 10.64 7.97
CA TYR A 157 -7.92 10.98 7.55
C TYR A 157 -7.35 12.22 8.23
N GLN A 158 -7.32 12.19 9.56
CA GLN A 158 -6.69 13.26 10.32
C GLN A 158 -6.35 12.79 11.71
N ASN A 159 -5.35 13.45 12.31
CA ASN A 159 -4.95 13.16 13.68
C ASN A 159 -4.68 11.67 13.91
N GLU A 160 -5.04 11.13 15.06
CA GLU A 160 -4.63 9.75 15.34
C GLU A 160 -5.29 8.71 14.43
N SER A 161 -6.60 8.85 14.18
CA SER A 161 -7.24 7.91 13.27
C SER A 161 -6.57 7.94 11.89
N GLY A 162 -6.17 9.13 11.46
CA GLY A 162 -5.51 9.30 10.18
C GLY A 162 -4.12 8.67 10.14
N ALA A 163 -3.40 8.79 11.26
CA ALA A 163 -2.09 8.15 11.34
C ALA A 163 -2.22 6.62 11.34
N ILE A 164 -3.29 6.09 11.94
CA ILE A 164 -3.57 4.65 11.86
C ILE A 164 -3.88 4.26 10.42
N ASN A 165 -4.70 5.07 9.76
CA ASN A 165 -5.05 4.87 8.36
C ASN A 165 -3.76 4.72 7.53
N GLU A 166 -2.86 5.69 7.70
CA GLU A 166 -1.57 5.67 7.02
C GLU A 166 -0.72 4.44 7.36
N ALA A 167 -0.62 4.11 8.64
CA ALA A 167 0.19 2.96 9.04
C ALA A 167 -0.38 1.67 8.44
N ILE A 168 -1.69 1.55 8.40
CA ILE A 168 -2.33 0.38 7.81
C ILE A 168 -1.90 0.23 6.34
N SER A 169 -1.89 1.34 5.61
CA SER A 169 -1.41 1.31 4.22
C SER A 169 0.09 0.98 4.11
N ASP A 170 0.90 1.47 5.03
CA ASP A 170 2.33 1.15 4.99
C ASP A 170 2.56 -0.32 5.37
N ILE A 171 1.81 -0.79 6.36
CA ILE A 171 1.94 -2.18 6.82
C ILE A 171 1.55 -3.16 5.71
N PHE A 172 0.38 -2.98 5.13
CA PHE A 172 -0.01 -3.90 4.06
C PHE A 172 0.76 -3.68 2.78
N GLY A 173 1.18 -2.44 2.52
CA GLY A 173 2.08 -2.20 1.40
C GLY A 173 3.33 -3.07 1.54
N THR A 174 3.89 -3.07 2.74
CA THR A 174 5.08 -3.86 3.01
C THR A 174 4.82 -5.37 2.98
N LEU A 175 3.68 -5.79 3.53
CA LEU A 175 3.37 -7.21 3.50
C LEU A 175 3.16 -7.69 2.06
N VAL A 176 2.60 -6.83 1.21
CA VAL A 176 2.46 -7.22 -0.19
C VAL A 176 3.84 -7.28 -0.84
N GLU A 177 4.72 -6.35 -0.50
CA GLU A 177 6.09 -6.38 -1.03
C GLU A 177 6.78 -7.69 -0.65
N PHE A 178 6.61 -8.13 0.59
CA PHE A 178 7.17 -9.42 0.98
C PHE A 178 6.49 -10.58 0.24
N TYR A 179 5.18 -10.47 0.04
CA TYR A 179 4.42 -11.50 -0.68
C TYR A 179 4.98 -11.73 -2.08
N ALA A 180 5.28 -10.64 -2.78
CA ALA A 180 5.87 -10.74 -4.13
C ALA A 180 7.33 -11.20 -4.07
N ASN A 181 7.99 -10.92 -2.95
CA ASN A 181 9.32 -11.45 -2.65
C ASN A 181 10.42 -10.98 -3.60
N LYS A 182 10.32 -9.74 -4.06
CA LYS A 182 11.38 -9.11 -4.83
C LYS A 182 11.98 -7.96 -4.05
N ASN A 183 13.21 -8.13 -3.58
CA ASN A 183 13.90 -7.14 -2.76
C ASN A 183 13.04 -6.57 -1.63
N PRO A 184 12.42 -7.44 -0.83
CA PRO A 184 11.50 -6.91 0.19
C PRO A 184 12.24 -6.28 1.36
N ASP A 185 11.60 -5.31 1.99
CA ASP A 185 12.18 -4.65 3.15
C ASP A 185 11.05 -3.98 3.93
N TRP A 186 11.43 -3.33 5.03
CA TRP A 186 10.47 -2.59 5.86
C TRP A 186 10.57 -1.09 5.62
N GLU A 187 11.05 -0.71 4.43
CA GLU A 187 11.11 0.68 4.01
C GLU A 187 9.94 0.96 3.09
N ILE A 188 9.56 2.24 2.96
CA ILE A 188 8.44 2.62 2.08
C ILE A 188 8.94 3.46 0.91
N GLY A 189 8.65 2.99 -0.32
CA GLY A 189 8.87 3.77 -1.52
C GLY A 189 10.29 3.78 -2.06
N GLU A 190 11.16 2.93 -1.51
CA GLU A 190 12.57 2.95 -1.89
C GLU A 190 12.84 2.71 -3.38
N ASP A 191 11.94 2.00 -4.05
CA ASP A 191 12.17 1.68 -5.46
C ASP A 191 11.94 2.88 -6.39
N VAL A 192 11.19 3.88 -5.92
CA VAL A 192 10.86 5.01 -6.79
C VAL A 192 11.30 6.37 -6.24
N TYR A 193 11.83 6.38 -5.02
CA TYR A 193 12.23 7.62 -4.36
C TYR A 193 13.68 7.99 -4.69
N THR A 194 13.89 9.26 -5.04
CA THR A 194 15.22 9.83 -5.27
C THR A 194 16.17 8.95 -6.06
N PRO A 195 15.97 8.89 -7.38
CA PRO A 195 16.80 8.03 -8.23
C PRO A 195 18.29 8.40 -8.16
N GLY A 196 18.60 9.62 -7.74
CA GLY A 196 19.98 10.05 -7.64
C GLY A 196 20.65 9.67 -6.33
N ILE A 197 19.89 9.11 -5.38
CA ILE A 197 20.42 8.77 -4.08
C ILE A 197 20.13 7.30 -3.75
N SER A 198 21.17 6.51 -3.52
CA SER A 198 20.98 5.10 -3.24
C SER A 198 20.80 4.86 -1.75
N GLY A 199 19.96 3.90 -1.40
CA GLY A 199 19.86 3.44 -0.03
C GLY A 199 18.89 4.19 0.87
N ASP A 200 18.19 5.18 0.33
CA ASP A 200 17.22 5.91 1.15
C ASP A 200 15.81 5.48 0.83
N SER A 201 14.84 6.14 1.48
CA SER A 201 13.44 5.83 1.27
CA SER A 201 13.43 5.80 1.31
C SER A 201 12.59 6.98 1.78
N LEU A 202 11.29 6.92 1.50
CA LEU A 202 10.36 7.96 1.93
C LEU A 202 10.07 7.86 3.43
N ARG A 203 9.86 6.63 3.91
CA ARG A 203 9.69 6.34 5.33
C ARG A 203 10.35 5.02 5.65
N SER A 204 10.63 4.79 6.93
CA SER A 204 11.13 3.50 7.39
C SER A 204 10.23 3.03 8.51
N MET A 205 9.79 1.77 8.44
CA MET A 205 8.99 1.18 9.53
C MET A 205 9.89 0.66 10.63
N SER A 206 11.06 0.18 10.24
CA SER A 206 11.99 -0.40 11.21
C SER A 206 12.65 0.68 12.06
N ASP A 207 12.94 1.83 11.46
CA ASP A 207 13.50 2.97 12.19
C ASP A 207 12.93 4.27 11.65
N PRO A 208 11.69 4.60 12.05
CA PRO A 208 11.02 5.78 11.51
C PRO A 208 11.84 7.05 11.67
N ALA A 209 12.64 7.11 12.74
CA ALA A 209 13.36 8.33 13.07
C ALA A 209 14.42 8.67 12.03
N LYS A 210 14.85 7.67 11.27
CA LYS A 210 15.84 7.87 10.23
C LYS A 210 15.38 8.95 9.25
N TYR A 211 14.08 8.98 8.96
CA TYR A 211 13.53 9.95 8.01
C TYR A 211 12.65 10.99 8.69
N GLY A 212 12.92 11.24 9.97
CA GLY A 212 12.30 12.34 10.69
C GLY A 212 11.00 12.04 11.41
N ASP A 213 10.60 10.78 11.47
CA ASP A 213 9.29 10.44 12.03
C ASP A 213 9.40 9.83 13.42
N PRO A 214 8.39 10.06 14.27
CA PRO A 214 8.42 9.58 15.65
C PRO A 214 8.34 8.07 15.75
N ASP A 215 9.01 7.52 16.75
CA ASP A 215 8.99 6.08 17.01
C ASP A 215 8.52 5.81 18.44
N HIS A 216 7.94 6.85 19.05
CA HIS A 216 7.40 6.76 20.40
C HIS A 216 6.29 7.81 20.56
N TYR A 217 5.24 7.44 21.29
CA TYR A 217 4.09 8.32 21.43
C TYR A 217 4.47 9.67 22.05
N SER A 218 5.52 9.68 22.86
CA SER A 218 5.97 10.93 23.50
C SER A 218 6.52 11.92 22.48
N LYS A 219 6.77 11.44 21.27
CA LYS A 219 7.35 12.28 20.22
C LYS A 219 6.34 12.58 19.12
N ARG A 220 5.06 12.31 19.41
CA ARG A 220 4.01 12.55 18.44
C ARG A 220 3.91 14.03 18.04
N TYR A 221 3.64 14.26 16.76
CA TYR A 221 3.37 15.59 16.25
C TYR A 221 1.92 15.99 16.55
N THR A 222 1.73 17.20 17.07
CA THR A 222 0.37 17.64 17.41
C THR A 222 -0.03 18.93 16.72
N GLY A 223 0.73 19.34 15.70
CA GLY A 223 0.38 20.50 14.90
C GLY A 223 -0.64 20.17 13.83
N THR A 224 -0.81 21.07 12.86
CA THR A 224 -1.88 20.93 11.88
C THR A 224 -1.42 20.54 10.48
N GLN A 225 -0.11 20.59 10.23
N GLN A 225 -0.11 20.57 10.25
CA GLN A 225 0.39 20.22 8.91
CA GLN A 225 0.47 20.16 8.97
C GLN A 225 0.12 18.74 8.67
C GLN A 225 0.06 18.73 8.68
N ASP A 226 -0.02 18.38 7.39
CA ASP A 226 -0.19 16.98 7.00
C ASP A 226 -1.40 16.35 7.68
N ASN A 227 -2.51 17.07 7.70
CA ASN A 227 -3.72 16.57 8.34
C ASN A 227 -3.52 16.15 9.80
N GLY A 228 -2.69 16.90 10.51
CA GLY A 228 -2.39 16.58 11.89
C GLY A 228 -1.34 15.48 11.97
N GLY A 229 -0.46 15.44 10.97
CA GLY A 229 0.68 14.51 10.97
C GLY A 229 0.38 13.07 10.61
N VAL A 230 -0.56 12.83 9.68
CA VAL A 230 -0.91 11.44 9.39
C VAL A 230 0.24 10.61 8.83
N HIS A 231 1.15 11.24 8.08
CA HIS A 231 2.30 10.53 7.51
C HIS A 231 3.50 10.59 8.44
N ILE A 232 3.34 11.31 9.55
CA ILE A 232 4.41 11.51 10.51
C ILE A 232 4.19 10.57 11.69
N ASN A 233 3.05 10.73 12.36
CA ASN A 233 2.71 9.88 13.50
C ASN A 233 2.45 8.42 13.12
N SER A 234 2.30 8.14 11.82
CA SER A 234 2.19 6.76 11.37
C SER A 234 3.44 5.98 11.80
N GLY A 235 4.56 6.68 11.99
CA GLY A 235 5.79 6.04 12.40
C GLY A 235 5.69 5.28 13.73
N ILE A 236 4.85 5.78 14.63
CA ILE A 236 4.66 5.17 15.94
C ILE A 236 4.00 3.81 15.77
N ILE A 237 2.99 3.74 14.91
CA ILE A 237 2.30 2.48 14.66
C ILE A 237 3.12 1.56 13.76
N ASN A 238 3.77 2.15 12.74
CA ASN A 238 4.67 1.37 11.89
C ASN A 238 5.76 0.69 12.71
N LYS A 239 6.33 1.41 13.67
CA LYS A 239 7.34 0.83 14.55
C LYS A 239 6.75 -0.33 15.36
N ALA A 240 5.55 -0.15 15.89
CA ALA A 240 4.93 -1.22 16.67
C ALA A 240 4.72 -2.47 15.82
N ALA A 241 4.25 -2.27 14.59
CA ALA A 241 4.01 -3.38 13.66
C ALA A 241 5.32 -4.11 13.35
N TYR A 242 6.36 -3.34 13.05
CA TYR A 242 7.67 -3.89 12.79
C TYR A 242 8.13 -4.75 13.97
N LEU A 243 7.95 -4.22 15.19
CA LEU A 243 8.37 -4.95 16.38
C LEU A 243 7.57 -6.24 16.58
N ILE A 244 6.27 -6.17 16.37
CA ILE A 244 5.43 -7.36 16.48
C ILE A 244 5.94 -8.46 15.56
N SER A 245 6.29 -8.10 14.33
CA SER A 245 6.76 -9.09 13.36
C SER A 245 8.20 -9.57 13.60
N GLN A 246 9.11 -8.61 13.75
CA GLN A 246 10.55 -8.92 13.71
C GLN A 246 11.19 -8.93 15.08
N GLY A 247 10.49 -8.38 16.07
CA GLY A 247 11.03 -8.26 17.41
C GLY A 247 12.09 -7.18 17.55
N GLY A 248 12.58 -7.01 18.78
CA GLY A 248 13.66 -6.07 19.04
C GLY A 248 13.49 -5.44 20.40
N THR A 249 14.49 -4.67 20.83
CA THR A 249 14.40 -3.94 22.09
C THR A 249 14.46 -2.45 21.75
N HIS A 250 13.42 -1.74 22.18
CA HIS A 250 13.20 -0.35 21.78
C HIS A 250 12.94 0.46 23.03
N TYR A 251 13.80 1.45 23.29
CA TYR A 251 13.79 2.19 24.55
C TYR A 251 13.74 1.25 25.76
N GLY A 252 14.50 0.16 25.68
CA GLY A 252 14.64 -0.75 26.81
C GLY A 252 13.55 -1.79 26.93
N VAL A 253 12.55 -1.73 26.05
CA VAL A 253 11.44 -2.69 26.09
C VAL A 253 11.64 -3.75 25.01
N SER A 254 11.75 -5.01 25.44
CA SER A 254 11.98 -6.11 24.50
C SER A 254 10.69 -6.73 23.98
N VAL A 255 10.66 -7.00 22.68
CA VAL A 255 9.49 -7.58 22.03
C VAL A 255 9.92 -8.85 21.34
N VAL A 256 9.20 -9.94 21.58
CA VAL A 256 9.44 -11.20 20.89
C VAL A 256 8.69 -11.21 19.56
N GLY A 257 9.42 -11.32 18.46
CA GLY A 257 8.79 -11.28 17.15
C GLY A 257 7.98 -12.53 16.85
N ILE A 258 6.86 -12.36 16.16
CA ILE A 258 6.01 -13.50 15.80
C ILE A 258 5.88 -13.71 14.30
N GLY A 259 6.53 -12.88 13.50
CA GLY A 259 6.56 -13.07 12.06
C GLY A 259 5.50 -12.29 11.29
N ARG A 260 5.72 -12.14 9.98
CA ARG A 260 4.89 -11.27 9.16
C ARG A 260 3.48 -11.82 8.97
N ASP A 261 3.36 -13.14 8.84
CA ASP A 261 2.05 -13.70 8.57
C ASP A 261 1.11 -13.42 9.74
N LYS A 262 1.60 -13.59 10.95
CA LYS A 262 0.78 -13.34 12.12
C LYS A 262 0.51 -11.84 12.32
N LEU A 263 1.50 -11.00 12.03
CA LEU A 263 1.26 -9.56 12.03
C LEU A 263 0.09 -9.22 11.08
N GLY A 264 0.14 -9.77 9.87
CA GLY A 264 -0.90 -9.53 8.88
C GLY A 264 -2.26 -10.00 9.34
N LYS A 265 -2.33 -11.19 9.93
CA LYS A 265 -3.62 -11.70 10.41
C LYS A 265 -4.18 -10.82 11.53
N ILE A 266 -3.31 -10.44 12.46
CA ILE A 266 -3.74 -9.61 13.58
C ILE A 266 -4.23 -8.25 13.11
N PHE A 267 -3.46 -7.58 12.27
CA PHE A 267 -3.88 -6.25 11.82
C PHE A 267 -5.05 -6.27 10.84
N TYR A 268 -5.15 -7.34 10.03
CA TYR A 268 -6.30 -7.44 9.13
C TYR A 268 -7.58 -7.61 9.93
N ARG A 269 -7.52 -8.45 10.97
CA ARG A 269 -8.66 -8.64 11.84
C ARG A 269 -9.03 -7.34 12.56
N ALA A 270 -8.02 -6.62 13.05
CA ALA A 270 -8.29 -5.37 13.75
C ALA A 270 -8.98 -4.39 12.80
N LEU A 271 -8.44 -4.29 11.58
CA LEU A 271 -8.96 -3.36 10.59
C LEU A 271 -10.41 -3.65 10.23
N THR A 272 -10.74 -4.93 10.14
CA THR A 272 -12.04 -5.31 9.59
C THR A 272 -13.11 -5.65 10.64
N GLN A 273 -12.71 -5.86 11.90
CA GLN A 273 -13.66 -6.28 12.94
CA GLN A 273 -13.68 -6.26 12.92
C GLN A 273 -13.72 -5.35 14.14
N TYR A 274 -12.69 -4.53 14.34
CA TYR A 274 -12.61 -3.74 15.57
C TYR A 274 -12.43 -2.22 15.42
N LEU A 275 -11.62 -1.80 14.47
CA LEU A 275 -11.39 -0.37 14.29
C LEU A 275 -12.63 0.33 13.74
N THR A 276 -12.78 1.59 14.12
CA THR A 276 -13.90 2.42 13.65
C THR A 276 -13.35 3.72 13.07
N PRO A 277 -14.22 4.57 12.52
CA PRO A 277 -13.68 5.79 11.90
C PRO A 277 -12.93 6.70 12.87
N THR A 278 -13.23 6.64 14.16
CA THR A 278 -12.61 7.57 15.12
C THR A 278 -11.57 6.92 16.03
N SER A 279 -11.17 5.68 15.74
CA SER A 279 -10.21 4.99 16.60
C SER A 279 -8.94 5.80 16.82
N ASN A 280 -8.49 5.87 18.07
CA ASN A 280 -7.18 6.48 18.36
C ASN A 280 -6.15 5.38 18.63
N PHE A 281 -4.91 5.78 18.93
CA PHE A 281 -3.84 4.80 19.12
C PHE A 281 -4.15 3.81 20.25
N SER A 282 -4.68 4.32 21.37
CA SER A 282 -5.01 3.47 22.50
C SER A 282 -6.06 2.42 22.08
N GLN A 283 -7.00 2.86 21.25
CA GLN A 283 -8.03 1.95 20.78
C GLN A 283 -7.49 0.94 19.77
N LEU A 284 -6.50 1.34 18.98
CA LEU A 284 -5.83 0.41 18.09
C LEU A 284 -5.15 -0.69 18.91
N ARG A 285 -4.47 -0.30 19.99
CA ARG A 285 -3.83 -1.30 20.83
C ARG A 285 -4.86 -2.32 21.31
N ALA A 286 -5.99 -1.82 21.82
CA ALA A 286 -7.05 -2.70 22.29
C ALA A 286 -7.58 -3.60 21.18
N ALA A 287 -7.75 -3.04 19.99
CA ALA A 287 -8.23 -3.79 18.84
C ALA A 287 -7.24 -4.89 18.46
N ALA A 288 -5.94 -4.55 18.46
CA ALA A 288 -4.91 -5.53 18.13
C ALA A 288 -4.79 -6.63 19.18
N VAL A 289 -4.87 -6.25 20.45
CA VAL A 289 -4.85 -7.24 21.51
C VAL A 289 -6.05 -8.18 21.39
N GLN A 290 -7.23 -7.63 21.14
CA GLN A 290 -8.42 -8.47 21.02
C GLN A 290 -8.31 -9.38 19.80
N SER A 291 -7.78 -8.85 18.71
CA SER A 291 -7.63 -9.63 17.48
C SER A 291 -6.68 -10.81 17.70
N ALA A 292 -5.53 -10.54 18.34
CA ALA A 292 -4.58 -11.59 18.66
C ALA A 292 -5.20 -12.62 19.60
N THR A 293 -6.01 -12.14 20.55
CA THR A 293 -6.70 -13.03 21.48
C THR A 293 -7.65 -13.98 20.73
N ASP A 294 -8.41 -13.42 19.79
CA ASP A 294 -9.34 -14.21 18.98
C ASP A 294 -8.61 -15.30 18.21
N LEU A 295 -7.46 -14.95 17.65
CA LEU A 295 -6.75 -15.83 16.73
C LEU A 295 -5.89 -16.87 17.43
N TYR A 296 -5.29 -16.50 18.55
CA TYR A 296 -4.24 -17.32 19.15
C TYR A 296 -4.45 -17.66 20.63
N GLY A 297 -5.39 -16.99 21.28
CA GLY A 297 -5.69 -17.27 22.66
C GLY A 297 -5.11 -16.24 23.62
N SER A 298 -5.81 -15.99 24.71
CA SER A 298 -5.41 -14.94 25.66
C SER A 298 -4.01 -15.15 26.26
N THR A 299 -3.58 -16.40 26.41
CA THR A 299 -2.30 -16.70 27.03
C THR A 299 -1.18 -16.92 26.00
N SER A 300 -1.46 -16.60 24.75
CA SER A 300 -0.51 -16.86 23.68
C SER A 300 0.67 -15.90 23.69
N GLN A 301 1.77 -16.34 23.08
CA GLN A 301 2.91 -15.47 22.83
C GLN A 301 2.49 -14.29 21.95
N GLU A 302 1.57 -14.56 21.03
CA GLU A 302 1.15 -13.53 20.08
C GLU A 302 0.52 -12.34 20.79
N VAL A 303 -0.34 -12.62 21.76
CA VAL A 303 -0.97 -11.56 22.53
C VAL A 303 0.08 -10.82 23.38
N ALA A 304 0.98 -11.56 24.00
CA ALA A 304 2.03 -10.95 24.81
C ALA A 304 2.90 -10.02 23.98
N SER A 305 3.19 -10.45 22.74
CA SER A 305 4.03 -9.66 21.86
C SER A 305 3.35 -8.39 21.39
N VAL A 306 2.05 -8.48 21.10
CA VAL A 306 1.32 -7.27 20.75
C VAL A 306 1.41 -6.24 21.89
N LYS A 307 1.20 -6.70 23.12
CA LYS A 307 1.31 -5.78 24.26
C LYS A 307 2.70 -5.20 24.41
N GLN A 308 3.73 -6.04 24.26
CA GLN A 308 5.12 -5.60 24.34
C GLN A 308 5.41 -4.50 23.33
N ALA A 309 4.92 -4.69 22.11
CA ALA A 309 5.18 -3.76 21.02
C ALA A 309 4.56 -2.40 21.30
N PHE A 310 3.30 -2.38 21.71
CA PHE A 310 2.65 -1.10 22.02
C PHE A 310 3.26 -0.45 23.27
N ASP A 311 3.68 -1.25 24.25
CA ASP A 311 4.41 -0.72 25.40
C ASP A 311 5.67 -0.01 24.91
N ALA A 312 6.40 -0.67 24.01
CA ALA A 312 7.65 -0.13 23.52
C ALA A 312 7.51 1.23 22.83
N VAL A 313 6.40 1.46 22.14
CA VAL A 313 6.19 2.75 21.50
C VAL A 313 5.33 3.71 22.34
N GLY A 314 5.10 3.35 23.59
CA GLY A 314 4.48 4.27 24.53
C GLY A 314 2.97 4.42 24.39
N VAL A 315 2.34 3.43 23.77
CA VAL A 315 0.88 3.44 23.60
C VAL A 315 0.22 2.48 24.56
N LYS A 316 -0.56 3.01 25.49
CA LYS A 316 -1.23 2.17 26.49
C LYS A 316 -2.72 2.07 26.18
C3 UBW B . -6.84 12.80 -1.65
C2 UBW B . -8.01 12.45 -2.34
C1 UBW B . -9.16 12.16 -1.62
C6 UBW B . -9.15 12.23 -0.23
C5 UBW B . -8.00 12.58 0.44
C4 UBW B . -6.83 12.87 -0.26
C7 UBW B . -5.58 13.25 0.46
O8 UBW B . -4.83 12.07 0.74
C9 UBW B . -3.63 11.83 -0.03
O21 UBW B . -3.45 12.47 -1.06
N10 UBW B . -2.80 10.89 0.35
C11 UBW B . -1.57 10.59 -0.35
P12 UBW B . -1.07 8.89 -0.02
O22 UBW B . -2.10 7.97 -0.59
O23 UBW B . -0.79 8.64 1.45
N13 UBW B . 0.37 8.77 -0.86
C14 UBW B . 1.55 8.14 -0.27
C15 UBW B . 2.25 9.07 0.70
O28 UBW B . 2.80 8.62 1.70
C24 UBW B . 2.47 7.83 -1.45
C25 UBW B . 3.76 7.12 -1.01
C26 UBW B . 3.49 5.70 -0.52
C27 UBW B . 4.76 7.09 -2.16
N16 UBW B . 2.25 10.37 0.41
C17 UBW B . 2.90 11.31 1.32
C29 UBW B . 4.32 11.54 0.81
C30 UBW B . 4.35 12.18 -0.57
C31 UBW B . 5.77 12.56 -0.94
C18 UBW B . 2.15 12.61 1.45
O19 UBW B . 2.57 13.44 2.30
O20 UBW B . 1.13 12.81 0.76
C1 GOL C . 15.50 -8.59 20.87
O1 GOL C . 16.26 -8.01 19.88
C2 GOL C . 14.74 -9.82 20.50
O2 GOL C . 13.93 -9.66 19.40
C3 GOL C . 14.01 -10.44 21.64
O3 GOL C . 12.98 -9.67 22.14
C1 GOL D . 1.64 16.58 -4.46
O1 GOL D . 1.60 16.03 -3.19
C2 GOL D . 2.99 16.81 -5.04
O2 GOL D . 3.85 17.47 -4.18
C3 GOL D . 3.01 17.36 -6.42
O3 GOL D . 4.21 17.29 -7.11
C1 GOL E . -7.14 9.49 2.01
O1 GOL E . -7.32 8.43 2.88
C2 GOL E . -6.75 9.10 0.63
O2 GOL E . -7.66 8.21 0.06
C3 GOL E . -5.35 8.58 0.56
O3 GOL E . -4.83 8.36 -0.70
S DMS F . -3.44 15.42 -2.86
O DMS F . -3.29 17.13 -3.34
C1 DMS F . -4.44 14.54 -4.06
C2 DMS F . -1.79 14.68 -2.85
S DMS G . -17.60 -12.44 1.46
O DMS G . -19.12 -11.84 2.22
C1 DMS G . -17.36 -14.15 1.97
C2 DMS G . -17.76 -12.41 -0.33
S DMS H . -14.47 -9.13 -21.22
O DMS H . -15.91 -9.18 -22.29
C1 DMS H . -14.95 -8.36 -19.66
C2 DMS H . -13.95 -10.82 -20.92
S DMS I . 2.70 9.65 -26.25
O DMS I . 2.91 11.34 -25.66
C1 DMS I . 4.25 8.75 -26.05
C2 DMS I . 1.42 8.83 -25.31
S DMS J . -6.40 -10.28 -34.40
O DMS J . -5.82 -11.37 -35.69
C1 DMS J . -6.76 -11.19 -32.90
C2 DMS J . -5.12 -9.06 -34.03
ZN ZN K . -1.38 6.95 2.30
CA CA L . 9.58 -1.25 0.52
CA CA M . 12.06 -3.23 -1.58
CA CA N . 16.66 6.85 -3.69
CA CA O . 2.58 -1.42 -28.09
#